data_8G3X
#
_entry.id   8G3X
#
_cell.length_a   99.400
_cell.length_b   137.378
_cell.length_c   38.491
_cell.angle_alpha   90.00
_cell.angle_beta   90.00
_cell.angle_gamma   90.00
#
_symmetry.space_group_name_H-M   'P 21 21 2'
#
loop_
_entity.id
_entity.type
_entity.pdbx_description
1 polymer 'Maltodextrin-binding protein, Induced myeloid leukemia cell differentiation protein Mcl-1 chimera'
2 branched alpha-D-glucopyranose-(1-4)-alpha-D-glucopyranose
3 non-polymer 1,2-ETHANEDIOL
4 non-polymer "N-[(1'S,3aS,5R,15S,17S,19Z,21R,21aR)-6'-chloro-20-fluoro-21-{[(5S,9aS)-hexahydropyrazino[2,1-c][1,4]oxazin-8(1H)-yl]methyl}-21-methoxy-17-methyl-13,15-dioxo-2,3,3',3a,4,4',13,16,17,18,21,21a-dodecahydro-2'H,6H,8H-15lambda~6~-spiro[10,12-(ethanediylidene)-15lambda~6~-furo[3,2-i][1,4]oxazepino[3,4-f][1,2,7]thiadiazacyclohexadecine-7,1'-naphthalen]-15-yl]-3-methoxy-1-methyl-1H-pyrazole-4-carboxamide"
5 water water
#
_entity_poly.entity_id   1
_entity_poly.type   'polypeptide(L)'
_entity_poly.pdbx_seq_one_letter_code
;GKIEEGKLVIWINGDKGYNGLAEVGKKFEKDTGIKVTVEHPDKLEEKFPQVAATGDGPDIIFWAHDRFGGYAQSGLLAEI
TPDKAFQDKLYPFTWDAVRYNGKLIAYPIAVEALSLIYNKDLLPNPPKTWEEIPALDKELKAKGKSALMFNLQEPYFTWP
LIAADGGYAFKYENGKYDIKDVGVDNAGAKAGLTFLVDLIKNKHMNADTDYSIAEAAFNKGETAMTINGPWAWSNIDTSK
VNYGVTVLPTFKGQPSKPFVGVLSAGINAASPNKELAKEFLENYLLTDEGLEAVNKDKPLGAVALKSYEEELAKDPRIAA
TMENAQKGEIMPNIPQMSAFWYAVRTAVINAASGRQTVDEALKDAQTGSELYRQSLEIISRYLREQATGAADTAPMGASG
ATSRKALETLRRVGDGVQRNHETAFQGMLRKLDIKNEDDVKSLSRVMIHVFSDGVTNWGRIVTLISFGAFVAKHLKTINQ
ESCIEPLAESITDVLVRTKRDWLVKQRGWDGFVEFFHV
;
_entity_poly.pdbx_strand_id   A
#
# COMPACT_ATOMS: atom_id res chain seq x y z
N GLY A 1 -18.64 -8.07 -15.74
CA GLY A 1 -20.05 -7.98 -15.26
C GLY A 1 -20.52 -6.55 -15.11
N LYS A 2 -21.75 -6.37 -14.64
CA LYS A 2 -22.34 -5.04 -14.44
C LYS A 2 -22.87 -4.91 -13.03
N ILE A 3 -22.47 -3.84 -12.36
CA ILE A 3 -22.96 -3.53 -11.02
C ILE A 3 -24.45 -3.23 -11.14
N GLU A 4 -25.24 -3.82 -10.25
CA GLU A 4 -26.69 -3.71 -10.28
C GLU A 4 -27.19 -2.34 -9.79
N GLU A 5 -28.22 -1.82 -10.45
CA GLU A 5 -28.80 -0.52 -10.15
C GLU A 5 -29.87 -0.63 -9.06
N GLY A 6 -29.97 0.41 -8.22
CA GLY A 6 -31.00 0.47 -7.18
C GLY A 6 -30.73 -0.31 -5.91
N LYS A 7 -29.46 -0.57 -5.64
CA LYS A 7 -28.98 -1.12 -4.37
C LYS A 7 -27.56 -0.58 -4.13
N LEU A 8 -27.05 -0.78 -2.92
CA LEU A 8 -25.65 -0.51 -2.64
C LEU A 8 -25.01 -1.76 -2.07
N VAL A 9 -23.87 -2.12 -2.66
CA VAL A 9 -22.98 -3.15 -2.13
C VAL A 9 -21.74 -2.44 -1.61
N ILE A 10 -21.40 -2.72 -0.36
CA ILE A 10 -20.26 -2.11 0.33
C ILE A 10 -19.29 -3.19 0.78
N TRP A 11 -18.01 -2.96 0.51
CA TRP A 11 -16.90 -3.78 1.05
C TRP A 11 -16.13 -3.05 2.13
N ILE A 12 -15.88 -3.74 3.24
CA ILE A 12 -15.08 -3.22 4.36
C ILE A 12 -14.34 -4.39 4.97
N ASN A 13 -13.17 -4.13 5.54
CA ASN A 13 -12.35 -5.20 6.10
C ASN A 13 -13.00 -5.84 7.33
N GLY A 14 -12.69 -7.13 7.52
CA GLY A 14 -13.29 -7.93 8.55
C GLY A 14 -12.92 -7.57 9.98
N ASP A 15 -11.90 -6.73 10.16
CA ASP A 15 -11.56 -6.19 11.50
C ASP A 15 -12.33 -4.92 11.91
N LYS A 16 -13.13 -4.37 11.00
N LYS A 16 -13.13 -4.37 10.99
CA LYS A 16 -13.86 -3.13 11.25
CA LYS A 16 -13.89 -3.14 11.23
C LYS A 16 -15.31 -3.42 11.62
C LYS A 16 -15.31 -3.43 11.68
N GLY A 17 -16.04 -2.38 12.02
CA GLY A 17 -17.39 -2.50 12.51
C GLY A 17 -18.44 -2.67 11.43
N TYR A 18 -18.42 -3.81 10.75
CA TYR A 18 -19.30 -4.04 9.60
C TYR A 18 -20.75 -4.26 10.01
N ASN A 19 -21.00 -4.72 11.23
CA ASN A 19 -22.39 -4.83 11.73
C ASN A 19 -22.98 -3.45 12.03
N GLY A 20 -22.17 -2.58 12.64
CA GLY A 20 -22.54 -1.17 12.82
C GLY A 20 -22.79 -0.50 11.49
N LEU A 21 -21.94 -0.74 10.50
CA LEU A 21 -22.13 -0.16 9.17
C LEU A 21 -23.43 -0.65 8.52
N ALA A 22 -23.72 -1.93 8.71
CA ALA A 22 -25.01 -2.49 8.25
C ALA A 22 -26.21 -1.82 8.89
N GLU A 23 -26.09 -1.45 10.17
N GLU A 23 -26.10 -1.45 10.17
CA GLU A 23 -27.15 -0.70 10.87
CA GLU A 23 -27.16 -0.69 10.86
C GLU A 23 -27.41 0.66 10.22
C GLU A 23 -27.42 0.65 10.18
N VAL A 24 -26.34 1.33 9.77
CA VAL A 24 -26.47 2.58 9.02
C VAL A 24 -27.15 2.29 7.66
N GLY A 25 -26.81 1.17 7.04
CA GLY A 25 -27.47 0.69 5.82
C GLY A 25 -28.97 0.50 5.98
N LYS A 26 -29.37 -0.07 7.12
CA LYS A 26 -30.81 -0.27 7.41
C LYS A 26 -31.54 1.06 7.56
N LYS A 27 -30.92 2.04 8.19
CA LYS A 27 -31.48 3.39 8.29
C LYS A 27 -31.66 4.02 6.91
N PHE A 28 -30.66 3.84 6.04
CA PHE A 28 -30.73 4.31 4.66
C PHE A 28 -31.90 3.65 3.93
N GLU A 29 -32.05 2.33 4.11
CA GLU A 29 -33.14 1.58 3.48
C GLU A 29 -34.52 2.04 3.92
N LYS A 30 -34.64 2.31 5.22
CA LYS A 30 -35.89 2.82 5.79
C LYS A 30 -36.37 4.10 5.10
N ASP A 31 -35.46 5.04 4.83
CA ASP A 31 -35.81 6.30 4.15
C ASP A 31 -36.09 6.13 2.67
N THR A 32 -35.26 5.34 2.00
CA THR A 32 -35.17 5.37 0.53
C THR A 32 -35.73 4.13 -0.17
N GLY A 33 -35.96 3.04 0.56
CA GLY A 33 -36.29 1.74 -0.03
C GLY A 33 -35.13 1.02 -0.72
N ILE A 34 -33.91 1.54 -0.60
CA ILE A 34 -32.74 0.96 -1.25
C ILE A 34 -32.04 0.06 -0.25
N LYS A 35 -31.91 -1.22 -0.59
CA LYS A 35 -31.20 -2.19 0.27
C LYS A 35 -29.68 -1.97 0.18
N VAL A 36 -29.03 -2.00 1.36
CA VAL A 36 -27.57 -1.86 1.47
C VAL A 36 -27.00 -3.19 1.98
N THR A 37 -26.08 -3.76 1.20
CA THR A 37 -25.45 -5.03 1.53
C THR A 37 -24.00 -4.74 1.89
N VAL A 38 -23.62 -5.09 3.13
CA VAL A 38 -22.24 -4.93 3.60
C VAL A 38 -21.57 -6.31 3.58
N GLU A 39 -20.43 -6.36 2.90
CA GLU A 39 -19.62 -7.58 2.85
C GLU A 39 -18.20 -7.30 3.31
N HIS A 40 -17.55 -8.33 3.84
CA HIS A 40 -16.16 -8.25 4.30
C HIS A 40 -15.33 -9.39 3.71
N PRO A 41 -15.19 -9.40 2.38
CA PRO A 41 -14.39 -10.49 1.78
C PRO A 41 -12.94 -10.51 2.22
N ASP A 42 -12.31 -11.69 2.20
CA ASP A 42 -10.88 -11.82 2.42
C ASP A 42 -10.13 -11.09 1.31
N LYS A 43 -8.99 -10.50 1.67
CA LYS A 43 -8.09 -9.85 0.70
C LYS A 43 -8.83 -8.83 -0.19
N LEU A 44 -9.74 -8.06 0.40
CA LEU A 44 -10.61 -7.20 -0.42
C LEU A 44 -9.81 -6.12 -1.14
N GLU A 45 -8.70 -5.70 -0.55
CA GLU A 45 -7.85 -4.67 -1.12
C GLU A 45 -7.10 -5.17 -2.37
N GLU A 46 -6.91 -6.48 -2.46
CA GLU A 46 -6.40 -7.15 -3.67
C GLU A 46 -7.51 -7.47 -4.67
N LYS A 47 -8.67 -7.92 -4.16
N LYS A 47 -8.69 -7.88 -4.18
CA LYS A 47 -9.84 -8.23 -4.99
CA LYS A 47 -9.80 -8.23 -5.06
C LYS A 47 -10.32 -7.00 -5.74
C LYS A 47 -10.47 -7.04 -5.72
N PHE A 48 -10.52 -5.90 -5.01
CA PHE A 48 -11.14 -4.71 -5.58
C PHE A 48 -10.55 -4.28 -6.93
N PRO A 49 -9.21 -4.08 -7.02
CA PRO A 49 -8.65 -3.64 -8.32
C PRO A 49 -8.89 -4.64 -9.47
N GLN A 50 -8.96 -5.92 -9.14
CA GLN A 50 -9.21 -6.96 -10.14
C GLN A 50 -10.62 -6.90 -10.67
N VAL A 51 -11.60 -6.94 -9.77
CA VAL A 51 -13.01 -6.93 -10.18
C VAL A 51 -13.45 -5.57 -10.72
N ALA A 52 -12.96 -4.47 -10.13
CA ALA A 52 -13.35 -3.14 -10.60
C ALA A 52 -12.83 -2.85 -12.00
N ALA A 53 -11.68 -3.39 -12.35
CA ALA A 53 -11.13 -3.23 -13.70
C ALA A 53 -12.06 -3.78 -14.81
N THR A 54 -12.90 -4.76 -14.48
CA THR A 54 -13.89 -5.32 -15.41
C THR A 54 -15.29 -4.69 -15.29
N GLY A 55 -15.40 -3.57 -14.57
CA GLY A 55 -16.70 -2.96 -14.30
C GLY A 55 -17.59 -3.64 -13.27
N ASP A 56 -16.98 -4.43 -12.39
N ASP A 56 -16.98 -4.49 -12.44
CA ASP A 56 -17.70 -5.19 -11.40
CA ASP A 56 -17.66 -5.27 -11.40
C ASP A 56 -17.27 -4.67 -10.03
C ASP A 56 -17.28 -4.68 -10.03
N GLY A 57 -17.68 -5.36 -8.97
CA GLY A 57 -17.22 -5.07 -7.61
C GLY A 57 -18.29 -4.35 -6.83
N PRO A 58 -17.93 -3.86 -5.62
CA PRO A 58 -18.88 -3.12 -4.80
C PRO A 58 -19.10 -1.69 -5.33
N ASP A 59 -20.21 -1.09 -4.93
CA ASP A 59 -20.44 0.32 -5.14
C ASP A 59 -19.46 1.18 -4.33
N ILE A 60 -19.23 0.75 -3.08
CA ILE A 60 -18.38 1.50 -2.12
C ILE A 60 -17.32 0.56 -1.55
N ILE A 61 -16.07 1.01 -1.56
CA ILE A 61 -14.98 0.25 -0.95
C ILE A 61 -14.36 1.06 0.19
N PHE A 62 -14.23 0.40 1.35
CA PHE A 62 -13.53 0.96 2.51
C PHE A 62 -12.16 0.33 2.66
N TRP A 63 -11.16 1.17 2.82
CA TRP A 63 -9.81 0.74 3.17
C TRP A 63 -9.06 1.97 3.67
N ALA A 64 -7.90 1.76 4.30
CA ALA A 64 -7.02 2.90 4.56
C ALA A 64 -6.63 3.58 3.23
N HIS A 65 -6.38 4.88 3.33
CA HIS A 65 -6.14 5.73 2.15
C HIS A 65 -4.95 5.33 1.30
N ASP A 66 -3.98 4.58 1.86
CA ASP A 66 -2.76 4.28 1.13
C ASP A 66 -2.99 3.52 -0.18
N ARG A 67 -4.02 2.70 -0.26
CA ARG A 67 -4.32 1.93 -1.49
C ARG A 67 -5.04 2.72 -2.57
N PHE A 68 -5.62 3.87 -2.20
N PHE A 68 -5.62 3.87 -2.21
CA PHE A 68 -6.57 4.55 -3.10
CA PHE A 68 -6.58 4.53 -3.10
C PHE A 68 -5.93 5.25 -4.29
C PHE A 68 -5.96 5.31 -4.26
N GLY A 69 -4.71 5.74 -4.13
CA GLY A 69 -3.97 6.35 -5.28
C GLY A 69 -3.79 5.38 -6.44
N GLY A 70 -3.40 4.14 -6.14
CA GLY A 70 -3.36 3.08 -7.15
C GLY A 70 -4.69 2.84 -7.83
N TYR A 71 -5.77 2.77 -7.06
CA TYR A 71 -7.09 2.55 -7.61
C TYR A 71 -7.47 3.72 -8.53
N ALA A 72 -7.19 4.93 -8.07
CA ALA A 72 -7.50 6.15 -8.85
C ALA A 72 -6.69 6.21 -10.12
N GLN A 73 -5.40 5.91 -10.03
CA GLN A 73 -4.51 5.90 -11.22
C GLN A 73 -5.01 4.92 -12.26
N SER A 74 -5.57 3.79 -11.81
CA SER A 74 -6.19 2.77 -12.69
C SER A 74 -7.61 3.08 -13.19
N GLY A 75 -8.14 4.26 -12.87
CA GLY A 75 -9.48 4.67 -13.26
C GLY A 75 -10.63 3.96 -12.56
N LEU A 76 -10.40 3.43 -11.36
CA LEU A 76 -11.39 2.64 -10.65
C LEU A 76 -12.28 3.39 -9.68
N LEU A 77 -12.00 4.69 -9.46
CA LEU A 77 -12.75 5.49 -8.50
C LEU A 77 -13.38 6.74 -9.10
N ALA A 78 -14.61 7.01 -8.68
CA ALA A 78 -15.33 8.24 -9.02
C ALA A 78 -14.70 9.39 -8.24
N GLU A 79 -14.55 10.54 -8.89
CA GLU A 79 -14.16 11.77 -8.18
C GLU A 79 -15.25 12.21 -7.20
N ILE A 80 -14.82 12.56 -5.99
CA ILE A 80 -15.68 12.97 -4.88
C ILE A 80 -15.73 14.50 -4.94
N THR A 81 -16.94 15.07 -4.94
CA THR A 81 -17.13 16.53 -5.05
C THR A 81 -18.14 17.03 -4.02
N PRO A 82 -17.79 16.96 -2.73
CA PRO A 82 -18.69 17.49 -1.74
C PRO A 82 -18.71 19.01 -1.76
N ASP A 83 -19.82 19.59 -1.31
CA ASP A 83 -19.92 21.05 -1.23
C ASP A 83 -19.07 21.52 -0.06
N LYS A 84 -18.82 22.83 -0.04
CA LYS A 84 -18.03 23.45 1.03
C LYS A 84 -18.61 23.15 2.40
N ALA A 85 -19.93 23.23 2.56
CA ALA A 85 -20.56 22.98 3.84
C ALA A 85 -20.18 21.61 4.38
N PHE A 86 -20.25 20.60 3.52
CA PHE A 86 -19.87 19.24 3.93
C PHE A 86 -18.37 19.13 4.18
N GLN A 87 -17.56 19.63 3.26
N GLN A 87 -17.58 19.65 3.25
CA GLN A 87 -16.11 19.54 3.41
CA GLN A 87 -16.11 19.58 3.35
C GLN A 87 -15.64 20.13 4.74
C GLN A 87 -15.56 20.20 4.63
N ASP A 88 -16.17 21.29 5.08
CA ASP A 88 -15.78 21.97 6.32
C ASP A 88 -16.15 21.20 7.60
N LYS A 89 -17.01 20.18 7.53
CA LYS A 89 -17.33 19.36 8.69
C LYS A 89 -16.27 18.31 9.04
N LEU A 90 -15.33 18.07 8.13
CA LEU A 90 -14.22 17.12 8.38
C LEU A 90 -12.89 17.85 8.48
N TYR A 91 -11.93 17.28 9.21
CA TYR A 91 -10.63 17.93 9.36
C TYR A 91 -9.90 17.99 8.03
N PRO A 92 -9.31 19.15 7.70
CA PRO A 92 -8.60 19.27 6.44
C PRO A 92 -7.51 18.24 6.16
N PHE A 93 -6.77 17.82 7.19
CA PHE A 93 -5.71 16.84 7.00
C PHE A 93 -6.28 15.49 6.57
N THR A 94 -7.53 15.21 6.92
CA THR A 94 -8.15 13.96 6.48
C THR A 94 -8.52 14.00 4.99
N TRP A 95 -9.01 15.15 4.51
CA TRP A 95 -9.22 15.34 3.07
C TRP A 95 -7.90 15.24 2.28
N ASP A 96 -6.83 15.76 2.85
CA ASP A 96 -5.49 15.66 2.23
C ASP A 96 -5.06 14.21 1.97
N ALA A 97 -5.44 13.30 2.89
CA ALA A 97 -5.11 11.89 2.75
C ALA A 97 -5.78 11.20 1.57
N VAL A 98 -6.91 11.75 1.15
CA VAL A 98 -7.71 11.22 0.06
C VAL A 98 -7.66 12.12 -1.20
N ARG A 99 -6.64 12.98 -1.30
CA ARG A 99 -6.44 13.79 -2.51
C ARG A 99 -5.32 13.14 -3.34
N TYR A 100 -5.57 12.98 -4.64
CA TYR A 100 -4.64 12.35 -5.56
C TYR A 100 -4.68 13.12 -6.87
N ASN A 101 -3.52 13.56 -7.34
CA ASN A 101 -3.43 14.41 -8.55
C ASN A 101 -4.47 15.53 -8.53
N GLY A 102 -4.56 16.20 -7.37
CA GLY A 102 -5.44 17.34 -7.18
C GLY A 102 -6.94 17.10 -7.03
N LYS A 103 -7.38 15.84 -7.05
CA LYS A 103 -8.79 15.49 -6.99
C LYS A 103 -9.04 14.67 -5.73
N LEU A 104 -10.19 14.87 -5.12
CA LEU A 104 -10.62 14.02 -4.00
C LEU A 104 -11.13 12.70 -4.58
N ILE A 105 -10.62 11.60 -4.01
CA ILE A 105 -10.89 10.25 -4.54
C ILE A 105 -11.62 9.32 -3.56
N ALA A 106 -11.93 9.82 -2.38
CA ALA A 106 -12.69 9.08 -1.38
C ALA A 106 -13.16 10.03 -0.29
N TYR A 107 -14.08 9.56 0.53
CA TYR A 107 -14.47 10.25 1.75
C TYR A 107 -13.60 9.73 2.91
N PRO A 108 -12.96 10.62 3.67
CA PRO A 108 -12.25 10.14 4.85
C PRO A 108 -13.20 9.86 5.99
N ILE A 109 -12.89 8.82 6.77
CA ILE A 109 -13.75 8.37 7.86
C ILE A 109 -13.08 8.54 9.22
N ALA A 110 -11.86 8.02 9.36
CA ALA A 110 -11.19 8.03 10.67
C ALA A 110 -9.69 7.82 10.56
N VAL A 111 -8.97 8.37 11.54
CA VAL A 111 -7.53 8.27 11.63
C VAL A 111 -7.17 7.10 12.57
N GLU A 112 -6.34 6.21 12.04
CA GLU A 112 -5.87 4.98 12.70
C GLU A 112 -4.37 5.03 12.92
N ALA A 113 -3.93 4.72 14.13
CA ALA A 113 -2.52 4.48 14.41
C ALA A 113 -2.45 3.36 15.43
N LEU A 114 -1.41 2.57 15.31
CA LEU A 114 -1.11 1.55 16.30
C LEU A 114 -0.67 2.17 17.61
N SER A 115 -1.04 1.50 18.70
CA SER A 115 -0.53 1.81 20.02
C SER A 115 -0.04 0.53 20.71
N LEU A 116 0.70 0.73 21.80
CA LEU A 116 1.03 -0.38 22.70
C LEU A 116 -0.18 -0.59 23.64
N ILE A 117 -0.68 -1.80 23.69
CA ILE A 117 -1.82 -2.15 24.57
C ILE A 117 -1.22 -3.08 25.61
N TYR A 118 -1.46 -2.79 26.89
CA TYR A 118 -0.83 -3.58 27.95
C TYR A 118 -1.84 -3.97 29.02
N ASN A 119 -1.56 -5.10 29.66
CA ASN A 119 -2.40 -5.64 30.73
C ASN A 119 -1.86 -5.10 32.06
N LYS A 120 -2.63 -4.20 32.68
CA LYS A 120 -2.24 -3.52 33.93
C LYS A 120 -2.10 -4.48 35.11
N ASP A 121 -2.82 -5.58 35.08
CA ASP A 121 -2.66 -6.63 36.11
C ASP A 121 -1.36 -7.42 36.00
N LEU A 122 -0.75 -7.49 34.82
CA LEU A 122 0.56 -8.11 34.66
C LEU A 122 1.70 -7.09 34.69
N LEU A 123 1.49 -5.92 34.11
CA LEU A 123 2.49 -4.88 33.98
C LEU A 123 1.87 -3.56 34.38
N PRO A 124 1.93 -3.22 35.68
CA PRO A 124 1.41 -1.95 36.13
C PRO A 124 1.95 -0.77 35.36
N ASN A 125 3.23 -0.81 34.99
CA ASN A 125 3.78 0.22 34.11
C ASN A 125 4.36 -0.42 32.87
N PRO A 126 3.95 0.08 31.69
CA PRO A 126 4.49 -0.49 30.46
C PRO A 126 5.94 -0.07 30.24
N PRO A 127 6.70 -0.87 29.48
CA PRO A 127 8.08 -0.51 29.18
C PRO A 127 8.12 0.69 28.25
N LYS A 128 9.03 1.61 28.53
CA LYS A 128 9.26 2.77 27.67
C LYS A 128 10.14 2.43 26.48
N THR A 129 10.91 1.34 26.56
CA THR A 129 11.86 0.98 25.50
C THR A 129 11.65 -0.44 25.00
N TRP A 130 11.94 -0.66 23.71
CA TRP A 130 12.01 -2.01 23.15
C TRP A 130 13.11 -2.85 23.85
N GLU A 131 14.21 -2.18 24.19
CA GLU A 131 15.41 -2.84 24.71
C GLU A 131 15.20 -3.53 26.04
N GLU A 132 14.24 -3.06 26.83
CA GLU A 132 13.92 -3.71 28.10
C GLU A 132 12.96 -4.90 27.98
N ILE A 133 12.40 -5.16 26.80
CA ILE A 133 11.42 -6.23 26.66
C ILE A 133 11.99 -7.65 26.88
N PRO A 134 13.21 -7.94 26.39
CA PRO A 134 13.78 -9.24 26.69
C PRO A 134 13.81 -9.59 28.21
N ALA A 135 14.28 -8.63 29.02
CA ALA A 135 14.36 -8.83 30.48
C ALA A 135 12.98 -9.03 31.08
N LEU A 136 12.02 -8.23 30.62
N LEU A 136 12.02 -8.20 30.64
CA LEU A 136 10.66 -8.34 31.08
CA LEU A 136 10.61 -8.32 31.01
C LEU A 136 10.01 -9.67 30.72
C LEU A 136 10.03 -9.68 30.72
N ASP A 137 10.28 -10.18 29.52
CA ASP A 137 9.80 -11.49 29.13
C ASP A 137 10.35 -12.59 30.05
N LYS A 138 11.64 -12.48 30.37
CA LYS A 138 12.30 -13.44 31.29
C LYS A 138 11.60 -13.42 32.65
N GLU A 139 11.31 -12.23 33.17
CA GLU A 139 10.51 -12.12 34.42
C GLU A 139 9.15 -12.75 34.28
N LEU A 140 8.46 -12.43 33.18
CA LEU A 140 7.12 -12.93 32.98
C LEU A 140 7.03 -14.44 32.71
N LYS A 141 8.04 -14.99 32.03
CA LYS A 141 8.06 -16.42 31.72
C LYS A 141 8.09 -17.27 33.00
N ALA A 142 8.75 -16.75 34.03
CA ALA A 142 8.72 -17.39 35.37
C ALA A 142 7.33 -17.45 36.02
N LYS A 143 6.38 -16.61 35.58
CA LYS A 143 4.96 -16.66 35.97
C LYS A 143 4.03 -17.31 34.96
N GLY A 144 4.60 -17.95 33.95
CA GLY A 144 3.80 -18.55 32.91
C GLY A 144 3.15 -17.56 31.95
N LYS A 145 3.81 -16.41 31.76
CA LYS A 145 3.33 -15.38 30.84
C LYS A 145 4.43 -14.98 29.89
N SER A 146 4.08 -14.22 28.86
CA SER A 146 5.09 -13.63 27.99
C SER A 146 4.89 -12.14 27.99
N ALA A 147 5.92 -11.42 27.57
CA ALA A 147 5.87 -9.96 27.48
C ALA A 147 4.98 -9.45 26.36
N LEU A 148 5.19 -9.96 25.14
CA LEU A 148 4.66 -9.27 23.94
C LEU A 148 4.29 -10.24 22.85
N MET A 149 3.09 -10.07 22.29
CA MET A 149 2.67 -10.81 21.12
C MET A 149 1.91 -9.87 20.22
N PHE A 150 2.31 -9.83 18.96
CA PHE A 150 1.60 -9.07 17.94
C PHE A 150 1.77 -9.70 16.57
N ASN A 151 0.96 -9.24 15.62
CA ASN A 151 0.90 -9.84 14.28
C ASN A 151 2.23 -9.66 13.54
N LEU A 152 2.96 -10.75 13.28
CA LEU A 152 4.22 -10.69 12.54
C LEU A 152 4.03 -11.04 11.08
N GLN A 153 2.81 -11.19 10.63
CA GLN A 153 2.53 -11.56 9.21
C GLN A 153 2.23 -10.38 8.32
N GLU A 154 1.92 -9.24 8.92
CA GLU A 154 1.61 -8.03 8.21
C GLU A 154 2.59 -6.95 8.60
N PRO A 155 3.33 -6.37 7.63
CA PRO A 155 4.37 -5.42 7.96
C PRO A 155 3.91 -4.11 8.61
N TYR A 156 2.61 -3.79 8.51
CA TYR A 156 2.05 -2.66 9.21
C TYR A 156 2.43 -2.67 10.69
N PHE A 157 2.48 -3.85 11.29
CA PHE A 157 2.72 -3.96 12.75
C PHE A 157 4.20 -3.88 13.14
N THR A 158 5.08 -4.28 12.23
N THR A 158 5.08 -4.29 12.23
CA THR A 158 6.53 -4.26 12.45
CA THR A 158 6.53 -4.24 12.45
C THR A 158 7.19 -2.98 11.95
C THR A 158 7.18 -2.95 11.96
N TRP A 159 6.55 -2.29 11.00
CA TRP A 159 7.03 -0.99 10.48
C TRP A 159 7.41 0.05 11.53
N PRO A 160 6.61 0.21 12.61
CA PRO A 160 6.98 1.24 13.59
C PRO A 160 8.39 1.05 14.15
N LEU A 161 8.82 -0.20 14.33
CA LEU A 161 10.14 -0.52 14.83
C LEU A 161 11.23 -0.37 13.74
N ILE A 162 10.91 -0.81 12.52
CA ILE A 162 11.82 -0.65 11.38
C ILE A 162 12.08 0.84 11.13
N ALA A 163 11.05 1.67 11.25
CA ALA A 163 11.18 3.10 10.97
C ALA A 163 11.92 3.88 12.08
N ALA A 164 11.93 3.34 13.30
CA ALA A 164 12.37 4.11 14.47
C ALA A 164 13.78 4.70 14.32
N ASP A 165 14.74 3.88 13.93
CA ASP A 165 16.15 4.29 13.85
C ASP A 165 16.55 4.77 12.45
N GLY A 166 15.57 4.97 11.57
CA GLY A 166 15.81 5.61 10.28
C GLY A 166 15.34 4.89 9.04
N GLY A 167 14.67 3.74 9.15
CA GLY A 167 14.02 3.15 7.99
C GLY A 167 12.92 4.07 7.47
N TYR A 168 12.73 4.09 6.16
CA TYR A 168 11.66 4.87 5.54
C TYR A 168 11.22 4.24 4.23
N ALA A 169 10.00 4.54 3.82
CA ALA A 169 9.47 4.05 2.54
C ALA A 169 9.96 4.96 1.40
N PHE A 170 9.39 6.16 1.30
CA PHE A 170 9.77 7.13 0.27
C PHE A 170 10.14 8.42 1.02
N LYS A 171 11.35 8.94 0.78
CA LYS A 171 11.84 10.12 1.51
C LYS A 171 10.91 11.33 1.31
N TYR A 172 10.63 12.05 2.40
CA TYR A 172 9.78 13.25 2.36
C TYR A 172 10.55 14.48 2.84
N GLU A 173 10.78 15.43 1.94
CA GLU A 173 11.48 16.70 2.25
C GLU A 173 10.94 17.86 1.39
N ASN A 174 10.96 19.08 1.98
CA ASN A 174 10.44 20.30 1.31
C ASN A 174 9.01 20.12 0.74
N GLY A 175 8.14 19.50 1.54
CA GLY A 175 6.76 19.21 1.15
C GLY A 175 6.56 18.26 -0.03
N LYS A 176 7.56 17.41 -0.31
CA LYS A 176 7.58 16.56 -1.51
C LYS A 176 8.18 15.16 -1.20
N TYR A 177 7.56 14.11 -1.77
CA TYR A 177 8.16 12.77 -1.80
C TYR A 177 9.21 12.69 -2.87
N ASP A 178 10.35 12.08 -2.56
CA ASP A 178 11.28 11.61 -3.57
C ASP A 178 11.00 10.12 -3.69
N ILE A 179 10.15 9.75 -4.64
N ILE A 179 10.16 9.76 -4.66
CA ILE A 179 9.85 8.35 -4.94
CA ILE A 179 9.84 8.37 -4.95
C ILE A 179 11.10 7.57 -5.38
C ILE A 179 11.07 7.58 -5.44
N LYS A 180 12.13 8.28 -5.86
CA LYS A 180 13.42 7.65 -6.20
C LYS A 180 14.24 7.27 -4.96
N ASP A 181 13.93 7.86 -3.79
CA ASP A 181 14.69 7.67 -2.56
C ASP A 181 13.91 6.76 -1.59
N VAL A 182 14.29 5.48 -1.60
CA VAL A 182 13.67 4.43 -0.78
C VAL A 182 14.62 4.06 0.38
N GLY A 183 14.08 3.91 1.59
CA GLY A 183 14.87 3.73 2.82
C GLY A 183 14.65 2.40 3.54
N VAL A 184 14.48 1.34 2.76
CA VAL A 184 14.13 0.01 3.28
C VAL A 184 15.37 -0.79 3.70
N ASP A 185 16.51 -0.60 3.05
CA ASP A 185 17.72 -1.37 3.37
C ASP A 185 18.88 -0.56 3.96
N ASN A 186 18.56 0.51 4.65
CA ASN A 186 19.55 1.35 5.33
C ASN A 186 19.86 0.81 6.74
N ALA A 187 20.83 1.42 7.41
CA ALA A 187 21.28 0.98 8.74
C ALA A 187 20.16 1.00 9.78
N GLY A 188 19.30 2.02 9.71
CA GLY A 188 18.18 2.16 10.65
C GLY A 188 17.20 1.00 10.51
N ALA A 189 16.81 0.73 9.28
CA ALA A 189 15.89 -0.37 8.98
C ALA A 189 16.48 -1.72 9.40
N LYS A 190 17.77 -1.92 9.11
CA LYS A 190 18.45 -3.14 9.53
C LYS A 190 18.48 -3.30 11.04
N ALA A 191 18.68 -2.20 11.77
CA ALA A 191 18.75 -2.23 13.23
C ALA A 191 17.41 -2.65 13.80
N GLY A 192 16.34 -2.05 13.31
CA GLY A 192 14.97 -2.40 13.74
C GLY A 192 14.64 -3.85 13.47
N LEU A 193 14.87 -4.29 12.24
CA LEU A 193 14.49 -5.65 11.88
C LEU A 193 15.39 -6.67 12.59
N THR A 194 16.68 -6.37 12.77
CA THR A 194 17.57 -7.24 13.54
C THR A 194 17.07 -7.38 14.99
N PHE A 195 16.63 -6.28 15.58
CA PHE A 195 16.03 -6.37 16.92
C PHE A 195 14.83 -7.32 16.96
N LEU A 196 13.93 -7.20 15.98
CA LEU A 196 12.80 -8.12 15.89
C LEU A 196 13.24 -9.57 15.74
N VAL A 197 14.20 -9.82 14.84
CA VAL A 197 14.65 -11.19 14.58
C VAL A 197 15.32 -11.78 15.83
N ASP A 198 16.08 -10.96 16.54
CA ASP A 198 16.72 -11.37 17.82
C ASP A 198 15.68 -11.71 18.87
N LEU A 199 14.57 -10.96 18.94
CA LEU A 199 13.47 -11.33 19.85
C LEU A 199 12.98 -12.75 19.56
N ILE A 200 12.88 -13.08 18.27
CA ILE A 200 12.44 -14.39 17.84
C ILE A 200 13.50 -15.47 18.13
N LYS A 201 14.76 -15.19 17.78
N LYS A 201 14.76 -15.18 17.78
CA LYS A 201 15.88 -16.09 18.06
CA LYS A 201 15.90 -16.07 18.06
C LYS A 201 15.94 -16.45 19.55
C LYS A 201 16.05 -16.42 19.55
N ASN A 202 15.78 -15.44 20.40
CA ASN A 202 15.83 -15.61 21.85
C ASN A 202 14.51 -16.10 22.49
N LYS A 203 13.53 -16.49 21.66
CA LYS A 203 12.26 -17.11 22.06
C LYS A 203 11.34 -16.18 22.88
N HIS A 204 11.53 -14.87 22.71
CA HIS A 204 10.62 -13.86 23.25
C HIS A 204 9.38 -13.70 22.35
N MET A 205 9.51 -14.03 21.06
CA MET A 205 8.36 -14.07 20.14
C MET A 205 8.53 -15.24 19.19
N ASN A 206 7.45 -15.58 18.51
CA ASN A 206 7.35 -16.71 17.59
C ASN A 206 7.06 -16.17 16.20
N ALA A 207 7.88 -16.53 15.21
CA ALA A 207 7.68 -16.05 13.82
C ALA A 207 6.29 -16.33 13.24
N ASP A 208 5.60 -17.38 13.72
CA ASP A 208 4.29 -17.76 13.20
C ASP A 208 3.13 -16.96 13.79
N THR A 209 3.40 -16.12 14.77
CA THR A 209 2.31 -15.34 15.40
C THR A 209 1.64 -14.42 14.39
N ASP A 210 0.32 -14.51 14.34
CA ASP A 210 -0.50 -13.74 13.42
C ASP A 210 -1.51 -12.93 14.22
N TYR A 211 -2.42 -12.28 13.52
CA TYR A 211 -3.40 -11.43 14.18
C TYR A 211 -4.24 -12.19 15.21
N SER A 212 -4.80 -13.31 14.79
N SER A 212 -4.80 -13.31 14.78
CA SER A 212 -5.71 -14.09 15.64
CA SER A 212 -5.69 -14.11 15.63
C SER A 212 -5.00 -14.69 16.85
C SER A 212 -4.97 -14.63 16.87
N ILE A 213 -3.78 -15.18 16.66
CA ILE A 213 -2.97 -15.75 17.75
C ILE A 213 -2.63 -14.68 18.81
N ALA A 214 -2.21 -13.50 18.36
CA ALA A 214 -1.82 -12.45 19.28
C ALA A 214 -3.02 -11.92 20.05
N GLU A 215 -4.14 -11.75 19.34
CA GLU A 215 -5.37 -11.23 19.94
C GLU A 215 -5.87 -12.19 21.02
N ALA A 216 -5.87 -13.49 20.70
CA ALA A 216 -6.36 -14.49 21.67
C ALA A 216 -5.45 -14.54 22.88
N ALA A 217 -4.14 -14.51 22.70
CA ALA A 217 -3.19 -14.53 23.79
C ALA A 217 -3.34 -13.34 24.73
N PHE A 218 -3.50 -12.13 24.18
CA PHE A 218 -3.68 -10.94 24.99
C PHE A 218 -5.02 -10.99 25.71
N ASN A 219 -6.09 -11.34 24.99
CA ASN A 219 -7.45 -11.28 25.54
C ASN A 219 -7.69 -12.39 26.57
N LYS A 220 -6.91 -13.46 26.50
CA LYS A 220 -6.91 -14.52 27.53
C LYS A 220 -5.96 -14.26 28.70
N GLY A 221 -5.22 -13.15 28.70
CA GLY A 221 -4.27 -12.84 29.75
C GLY A 221 -2.97 -13.61 29.78
N GLU A 222 -2.59 -14.23 28.65
CA GLU A 222 -1.36 -15.01 28.54
C GLU A 222 -0.14 -14.19 28.19
N THR A 223 -0.35 -13.05 27.50
CA THR A 223 0.74 -12.13 27.18
C THR A 223 0.42 -10.77 27.75
N ALA A 224 1.44 -10.06 28.21
CA ALA A 224 1.25 -8.77 28.89
C ALA A 224 0.99 -7.59 27.97
N MET A 225 1.38 -7.73 26.69
CA MET A 225 1.33 -6.60 25.77
C MET A 225 1.02 -7.09 24.38
N THR A 226 0.37 -6.20 23.62
CA THR A 226 0.18 -6.40 22.20
C THR A 226 0.30 -5.04 21.49
N ILE A 227 0.31 -5.08 20.16
CA ILE A 227 0.37 -3.86 19.36
C ILE A 227 -0.81 -3.95 18.42
N ASN A 228 -1.69 -2.97 18.50
CA ASN A 228 -2.90 -3.02 17.67
C ASN A 228 -3.53 -1.67 17.60
N GLY A 229 -4.56 -1.58 16.75
CA GLY A 229 -5.28 -0.35 16.54
C GLY A 229 -6.61 -0.30 17.25
N PRO A 230 -7.33 0.84 17.10
CA PRO A 230 -8.58 1.07 17.82
C PRO A 230 -9.66 0.00 17.65
N TRP A 231 -9.72 -0.57 16.46
CA TRP A 231 -10.67 -1.64 16.14
C TRP A 231 -10.59 -2.83 17.10
N ALA A 232 -9.40 -3.07 17.68
CA ALA A 232 -9.16 -4.19 18.58
C ALA A 232 -9.79 -4.01 19.96
N TRP A 233 -10.12 -2.77 20.32
CA TRP A 233 -10.49 -2.48 21.72
C TRP A 233 -11.79 -3.17 22.12
N SER A 234 -12.72 -3.35 21.19
CA SER A 234 -14.01 -4.03 21.48
C SER A 234 -13.84 -5.40 22.07
N ASN A 235 -13.03 -6.23 21.42
CA ASN A 235 -12.80 -7.60 21.88
C ASN A 235 -12.04 -7.62 23.20
N ILE A 236 -11.16 -6.65 23.42
CA ILE A 236 -10.47 -6.54 24.72
C ILE A 236 -11.48 -6.15 25.80
N ASP A 237 -12.39 -5.22 25.52
CA ASP A 237 -13.46 -4.87 26.48
C ASP A 237 -14.26 -6.10 26.87
N THR A 238 -14.68 -6.89 25.88
CA THR A 238 -15.45 -8.12 26.11
C THR A 238 -14.68 -9.12 27.01
N SER A 239 -13.37 -9.18 26.83
CA SER A 239 -12.50 -10.06 27.62
C SER A 239 -12.35 -9.70 29.10
N LYS A 240 -12.66 -8.46 29.47
CA LYS A 240 -12.50 -7.89 30.82
C LYS A 240 -11.05 -7.75 31.31
N VAL A 241 -10.07 -7.86 30.41
CA VAL A 241 -8.70 -7.57 30.76
C VAL A 241 -8.62 -6.11 31.18
N ASN A 242 -7.90 -5.85 32.26
CA ASN A 242 -7.60 -4.51 32.73
C ASN A 242 -6.46 -3.91 31.90
N TYR A 243 -6.84 -3.25 30.80
CA TYR A 243 -5.86 -2.81 29.80
C TYR A 243 -5.65 -1.30 29.74
N GLY A 244 -4.46 -0.91 29.31
CA GLY A 244 -4.15 0.45 29.00
C GLY A 244 -3.69 0.53 27.55
N VAL A 245 -3.82 1.71 26.98
CA VAL A 245 -3.36 2.05 25.62
C VAL A 245 -2.38 3.18 25.76
N THR A 246 -1.16 3.00 25.25
CA THR A 246 -0.11 3.95 25.48
C THR A 246 0.84 4.10 24.30
N VAL A 247 1.81 4.99 24.46
N VAL A 247 1.83 4.97 24.48
CA VAL A 247 2.82 5.25 23.45
CA VAL A 247 2.89 5.19 23.51
C VAL A 247 3.68 3.99 23.24
C VAL A 247 3.65 3.91 23.23
N LEU A 248 3.99 3.70 21.97
CA LEU A 248 4.84 2.57 21.60
C LEU A 248 6.22 2.75 22.24
N PRO A 249 6.90 1.63 22.50
CA PRO A 249 8.26 1.76 23.07
C PRO A 249 9.23 2.42 22.10
N THR A 250 10.24 3.10 22.66
CA THR A 250 11.31 3.66 21.85
C THR A 250 12.32 2.60 21.47
N PHE A 251 13.07 2.88 20.40
CA PHE A 251 14.15 2.00 19.98
C PHE A 251 15.37 2.87 19.72
N LYS A 252 16.51 2.48 20.31
CA LYS A 252 17.71 3.32 20.31
C LYS A 252 17.40 4.79 20.69
N GLY A 253 16.53 4.95 21.68
CA GLY A 253 16.11 6.25 22.20
C GLY A 253 15.17 7.07 21.34
N GLN A 254 14.69 6.50 20.23
CA GLN A 254 13.89 7.22 19.25
C GLN A 254 12.49 6.64 19.23
N PRO A 255 11.45 7.47 18.98
CA PRO A 255 10.10 6.93 18.97
C PRO A 255 9.89 5.87 17.88
N SER A 256 9.09 4.87 18.19
CA SER A 256 8.51 4.05 17.14
C SER A 256 7.58 4.93 16.30
N LYS A 257 7.62 4.72 14.99
CA LYS A 257 6.97 5.58 14.02
C LYS A 257 5.92 4.80 13.22
N PRO A 258 4.71 4.67 13.75
CA PRO A 258 3.71 3.94 12.98
C PRO A 258 3.33 4.67 11.69
N PHE A 259 3.01 3.89 10.66
CA PHE A 259 2.44 4.46 9.43
C PHE A 259 0.97 4.67 9.70
N VAL A 260 0.51 5.93 9.58
CA VAL A 260 -0.83 6.36 10.00
C VAL A 260 -1.79 6.21 8.81
N GLY A 261 -2.93 5.55 9.03
CA GLY A 261 -3.93 5.34 8.00
C GLY A 261 -5.16 6.17 8.26
N VAL A 262 -5.83 6.57 7.20
CA VAL A 262 -7.11 7.21 7.25
C VAL A 262 -8.06 6.22 6.58
N LEU A 263 -8.89 5.56 7.36
CA LEU A 263 -9.96 4.73 6.81
C LEU A 263 -10.79 5.64 5.94
N SER A 264 -11.00 5.20 4.70
CA SER A 264 -11.65 5.99 3.65
C SER A 264 -12.64 5.18 2.86
N ALA A 265 -13.62 5.85 2.26
CA ALA A 265 -14.68 5.21 1.49
C ALA A 265 -14.65 5.76 0.07
N GLY A 266 -14.30 4.90 -0.89
CA GLY A 266 -14.30 5.29 -2.31
C GLY A 266 -15.52 4.74 -3.01
N ILE A 267 -15.89 5.42 -4.09
CA ILE A 267 -17.04 5.02 -4.91
C ILE A 267 -16.51 4.43 -6.21
N ASN A 268 -16.95 3.21 -6.52
CA ASN A 268 -16.52 2.52 -7.76
C ASN A 268 -16.92 3.35 -8.99
N ALA A 269 -15.95 3.59 -9.86
CA ALA A 269 -16.17 4.33 -11.12
C ALA A 269 -17.23 3.67 -12.01
N ALA A 270 -17.36 2.35 -11.92
CA ALA A 270 -18.39 1.61 -12.65
C ALA A 270 -19.76 1.53 -11.99
N SER A 271 -19.94 2.13 -10.80
CA SER A 271 -21.21 2.07 -10.13
C SER A 271 -22.24 2.92 -10.87
N PRO A 272 -23.43 2.34 -11.12
CA PRO A 272 -24.57 3.17 -11.58
C PRO A 272 -25.36 3.78 -10.43
N ASN A 273 -24.84 3.68 -9.19
CA ASN A 273 -25.52 4.14 -7.98
C ASN A 273 -24.71 5.24 -7.28
N LYS A 274 -23.96 6.04 -8.04
CA LYS A 274 -23.06 7.03 -7.44
C LYS A 274 -23.80 8.06 -6.59
N GLU A 275 -24.97 8.50 -7.04
CA GLU A 275 -25.74 9.49 -6.25
C GLU A 275 -26.26 8.89 -4.96
N LEU A 276 -26.71 7.63 -5.00
CA LEU A 276 -27.10 6.91 -3.79
C LEU A 276 -25.91 6.75 -2.84
N ALA A 277 -24.74 6.42 -3.41
CA ALA A 277 -23.52 6.24 -2.60
C ALA A 277 -23.10 7.54 -1.90
N LYS A 278 -23.13 8.66 -2.63
N LYS A 278 -23.13 8.66 -2.61
CA LYS A 278 -22.85 9.99 -2.06
CA LYS A 278 -22.83 9.97 -2.02
C LYS A 278 -23.80 10.34 -0.93
C LYS A 278 -23.80 10.33 -0.91
N GLU A 279 -25.09 10.12 -1.15
CA GLU A 279 -26.12 10.36 -0.15
C GLU A 279 -25.88 9.52 1.11
N PHE A 280 -25.60 8.24 0.90
CA PHE A 280 -25.34 7.34 2.03
C PHE A 280 -24.14 7.85 2.86
N LEU A 281 -23.05 8.12 2.18
CA LEU A 281 -21.80 8.48 2.83
C LEU A 281 -21.91 9.84 3.54
N GLU A 282 -22.42 10.84 2.85
CA GLU A 282 -22.48 12.20 3.41
C GLU A 282 -23.55 12.37 4.46
N ASN A 283 -24.75 11.85 4.21
CA ASN A 283 -25.92 12.14 5.03
C ASN A 283 -26.40 11.04 5.96
N TYR A 284 -25.76 9.86 5.90
CA TYR A 284 -26.06 8.76 6.81
C TYR A 284 -24.82 8.37 7.61
N LEU A 285 -23.73 8.03 6.92
CA LEU A 285 -22.54 7.56 7.64
C LEU A 285 -21.77 8.67 8.34
N LEU A 286 -21.44 9.72 7.60
CA LEU A 286 -20.60 10.81 8.14
C LEU A 286 -21.43 11.83 8.90
N THR A 287 -22.12 11.30 9.89
CA THR A 287 -22.93 12.05 10.84
C THR A 287 -22.56 11.54 12.24
N ASP A 288 -22.91 12.28 13.26
CA ASP A 288 -22.65 11.79 14.63
C ASP A 288 -23.26 10.41 14.87
N GLU A 289 -24.52 10.23 14.48
CA GLU A 289 -25.23 8.98 14.69
C GLU A 289 -24.71 7.81 13.85
N GLY A 290 -24.29 8.10 12.62
CA GLY A 290 -23.75 7.08 11.72
C GLY A 290 -22.42 6.56 12.21
N LEU A 291 -21.53 7.49 12.54
CA LEU A 291 -20.20 7.12 13.07
C LEU A 291 -20.33 6.44 14.42
N GLU A 292 -21.26 6.88 15.26
CA GLU A 292 -21.50 6.21 16.53
C GLU A 292 -21.87 4.75 16.34
N ALA A 293 -22.77 4.48 15.40
CA ALA A 293 -23.21 3.09 15.14
C ALA A 293 -22.02 2.19 14.77
N VAL A 294 -21.13 2.70 13.93
CA VAL A 294 -19.94 1.93 13.55
C VAL A 294 -18.97 1.82 14.73
N ASN A 295 -18.70 2.96 15.36
CA ASN A 295 -17.78 3.02 16.50
C ASN A 295 -18.16 2.12 17.69
N LYS A 296 -19.46 1.98 17.97
N LYS A 296 -19.46 2.01 17.97
CA LYS A 296 -19.95 1.10 19.05
CA LYS A 296 -19.99 1.11 19.01
C LYS A 296 -19.78 -0.40 18.71
C LYS A 296 -19.66 -0.35 18.71
N ASP A 297 -19.69 -0.71 17.43
CA ASP A 297 -19.35 -2.07 16.98
C ASP A 297 -17.83 -2.30 17.18
N LYS A 298 -17.00 -1.59 16.42
N LYS A 298 -17.01 -1.59 16.42
CA LYS A 298 -15.53 -1.63 16.57
CA LYS A 298 -15.54 -1.61 16.55
C LYS A 298 -15.02 -0.20 16.49
C LYS A 298 -15.05 -0.17 16.51
N PRO A 299 -14.25 0.28 17.49
CA PRO A 299 -13.84 1.67 17.45
C PRO A 299 -13.05 2.07 16.20
N LEU A 300 -13.39 3.25 15.68
CA LEU A 300 -12.82 3.79 14.47
C LEU A 300 -11.46 4.47 14.66
N GLY A 301 -11.15 4.92 15.88
CA GLY A 301 -10.03 5.80 16.10
C GLY A 301 -10.49 7.25 16.21
N ALA A 302 -9.70 8.16 15.67
CA ALA A 302 -10.00 9.59 15.74
C ALA A 302 -10.77 9.94 14.47
N VAL A 303 -12.06 10.15 14.61
CA VAL A 303 -12.91 10.27 13.42
C VAL A 303 -12.66 11.60 12.69
N ALA A 304 -12.89 11.58 11.38
CA ALA A 304 -12.68 12.76 10.55
C ALA A 304 -13.74 13.84 10.80
N LEU A 305 -14.91 13.46 11.28
CA LEU A 305 -16.02 14.38 11.54
C LEU A 305 -15.75 15.13 12.83
N LYS A 306 -15.53 16.44 12.69
CA LYS A 306 -15.13 17.30 13.83
C LYS A 306 -16.08 17.21 14.99
N SER A 307 -17.39 17.30 14.74
CA SER A 307 -18.39 17.27 15.80
C SER A 307 -18.31 16.01 16.68
N TYR A 308 -18.13 14.85 16.07
CA TYR A 308 -18.08 13.60 16.83
C TYR A 308 -16.68 13.39 17.42
N GLU A 309 -15.64 13.80 16.70
CA GLU A 309 -14.29 13.68 17.24
C GLU A 309 -14.11 14.48 18.54
N GLU A 310 -14.79 15.62 18.64
CA GLU A 310 -14.77 16.41 19.88
C GLU A 310 -15.26 15.62 21.09
N GLU A 311 -16.27 14.77 20.92
CA GLU A 311 -16.70 13.86 22.00
C GLU A 311 -15.62 12.80 22.28
N LEU A 312 -15.23 12.09 21.21
CA LEU A 312 -14.27 10.97 21.32
C LEU A 312 -12.87 11.37 21.83
N ALA A 313 -12.42 12.60 21.57
CA ALA A 313 -11.06 13.03 21.94
C ALA A 313 -10.78 13.04 23.46
N LYS A 314 -11.83 13.07 24.27
CA LYS A 314 -11.69 12.96 25.73
C LYS A 314 -11.25 11.57 26.22
N ASP A 315 -11.40 10.55 25.38
CA ASP A 315 -11.02 9.19 25.70
C ASP A 315 -9.50 9.08 25.70
N PRO A 316 -8.90 8.66 26.83
CA PRO A 316 -7.44 8.52 26.84
C PRO A 316 -6.86 7.51 25.85
N ARG A 317 -7.67 6.55 25.41
CA ARG A 317 -7.22 5.60 24.38
C ARG A 317 -7.05 6.30 23.02
N ILE A 318 -7.93 7.26 22.75
N ILE A 318 -7.91 7.27 22.76
CA ILE A 318 -7.82 8.10 21.54
CA ILE A 318 -7.82 8.07 21.54
C ILE A 318 -6.66 9.06 21.67
C ILE A 318 -6.71 9.12 21.64
N ALA A 319 -6.50 9.68 22.85
CA ALA A 319 -5.31 10.52 23.06
C ALA A 319 -4.03 9.77 22.77
N ALA A 320 -3.93 8.53 23.28
CA ALA A 320 -2.78 7.66 23.02
C ALA A 320 -2.59 7.34 21.52
N THR A 321 -3.72 7.08 20.87
CA THR A 321 -3.73 6.83 19.41
C THR A 321 -3.14 8.02 18.68
N MET A 322 -3.60 9.22 19.04
CA MET A 322 -3.10 10.44 18.39
C MET A 322 -1.66 10.81 18.77
N GLU A 323 -1.22 10.48 19.99
CA GLU A 323 0.20 10.62 20.35
C GLU A 323 1.09 9.77 19.46
N ASN A 324 0.73 8.50 19.29
CA ASN A 324 1.46 7.62 18.40
C ASN A 324 1.42 8.09 16.94
N ALA A 325 0.25 8.56 16.51
CA ALA A 325 0.09 9.10 15.15
C ALA A 325 1.04 10.28 14.90
N GLN A 326 1.14 11.18 15.87
N GLN A 326 1.14 11.18 15.87
CA GLN A 326 2.02 12.36 15.72
CA GLN A 326 2.01 12.35 15.74
C GLN A 326 3.50 12.01 15.68
C GLN A 326 3.49 11.99 15.65
N LYS A 327 3.88 10.92 16.34
CA LYS A 327 5.25 10.38 16.26
C LYS A 327 5.53 9.61 14.97
N GLY A 328 4.47 9.15 14.31
CA GLY A 328 4.58 8.45 13.05
C GLY A 328 4.40 9.40 11.88
N GLU A 329 3.96 8.84 10.75
CA GLU A 329 3.81 9.60 9.51
C GLU A 329 2.61 9.08 8.77
N ILE A 330 1.83 10.00 8.21
CA ILE A 330 0.72 9.65 7.32
C ILE A 330 1.25 8.86 6.14
N MET A 331 0.57 7.76 5.80
CA MET A 331 1.03 6.97 4.66
C MET A 331 0.91 7.77 3.36
N PRO A 332 1.86 7.57 2.45
CA PRO A 332 1.62 8.02 1.07
C PRO A 332 0.42 7.29 0.47
N ASN A 333 -0.18 7.86 -0.57
CA ASN A 333 -1.22 7.17 -1.34
C ASN A 333 -0.77 6.88 -2.76
N ILE A 334 0.52 7.07 -3.05
CA ILE A 334 1.06 6.88 -4.40
C ILE A 334 0.86 5.43 -4.84
N PRO A 335 0.70 5.18 -6.16
CA PRO A 335 0.41 3.82 -6.64
C PRO A 335 1.44 2.76 -6.24
N GLN A 336 2.65 3.21 -5.96
CA GLN A 336 3.77 2.37 -5.58
C GLN A 336 3.67 1.79 -4.16
N MET A 337 2.69 2.22 -3.36
CA MET A 337 2.52 1.69 -1.99
C MET A 337 2.26 0.19 -1.95
N SER A 338 1.43 -0.33 -2.85
CA SER A 338 1.12 -1.76 -2.92
C SER A 338 2.41 -2.58 -3.04
N ALA A 339 3.28 -2.19 -3.97
CA ALA A 339 4.58 -2.86 -4.14
C ALA A 339 5.51 -2.74 -2.94
N PHE A 340 5.55 -1.56 -2.33
CA PHE A 340 6.31 -1.34 -1.11
C PHE A 340 5.83 -2.32 -0.03
N TRP A 341 4.52 -2.38 0.17
CA TRP A 341 4.02 -3.28 1.20
C TRP A 341 4.29 -4.74 0.91
N TYR A 342 4.14 -5.18 -0.33
CA TYR A 342 4.42 -6.57 -0.67
C TYR A 342 5.89 -6.90 -0.41
N ALA A 343 6.77 -5.97 -0.80
CA ALA A 343 8.20 -6.15 -0.64
C ALA A 343 8.60 -6.25 0.84
N VAL A 344 8.03 -5.39 1.68
N VAL A 344 8.03 -5.39 1.68
CA VAL A 344 8.39 -5.37 3.13
CA VAL A 344 8.40 -5.38 3.13
C VAL A 344 7.71 -6.53 3.88
C VAL A 344 7.71 -6.52 3.88
N ARG A 345 6.55 -6.97 3.40
CA ARG A 345 5.85 -8.13 4.02
C ARG A 345 6.73 -9.37 3.86
N THR A 346 7.21 -9.57 2.63
CA THR A 346 8.08 -10.74 2.33
C THR A 346 9.37 -10.63 3.14
N ALA A 347 9.96 -9.44 3.23
CA ALA A 347 11.22 -9.29 3.96
C ALA A 347 11.05 -9.65 5.41
N VAL A 348 9.99 -9.14 6.06
CA VAL A 348 9.81 -9.42 7.48
C VAL A 348 9.55 -10.92 7.71
N ILE A 349 8.67 -11.51 6.90
CA ILE A 349 8.36 -12.94 7.03
C ILE A 349 9.62 -13.80 6.83
N ASN A 350 10.38 -13.49 5.78
CA ASN A 350 11.60 -14.27 5.54
C ASN A 350 12.69 -14.10 6.58
N ALA A 351 12.87 -12.88 7.07
CA ALA A 351 13.86 -12.63 8.11
C ALA A 351 13.45 -13.30 9.42
N ALA A 352 12.16 -13.21 9.74
CA ALA A 352 11.63 -13.80 10.98
C ALA A 352 11.71 -15.33 10.97
N SER A 353 11.56 -15.95 9.80
CA SER A 353 11.57 -17.42 9.65
C SER A 353 12.99 -17.98 9.52
N GLY A 354 13.94 -17.15 9.12
CA GLY A 354 15.31 -17.63 8.87
C GLY A 354 15.52 -18.02 7.42
N ARG A 355 14.51 -17.82 6.57
CA ARG A 355 14.63 -18.13 5.13
C ARG A 355 15.70 -17.21 4.53
N GLN A 356 15.75 -15.98 5.03
CA GLN A 356 16.80 -15.04 4.59
C GLN A 356 17.37 -14.33 5.80
N THR A 357 18.62 -13.91 5.74
CA THR A 357 19.18 -13.03 6.74
C THR A 357 18.52 -11.66 6.63
N VAL A 358 18.71 -10.80 7.64
CA VAL A 358 18.16 -9.44 7.59
C VAL A 358 18.70 -8.68 6.36
N ASP A 359 20.00 -8.81 6.12
CA ASP A 359 20.63 -8.15 4.97
C ASP A 359 20.04 -8.63 3.65
N GLU A 360 19.91 -9.94 3.48
CA GLU A 360 19.31 -10.50 2.26
C GLU A 360 17.86 -10.00 2.07
N ALA A 361 17.09 -10.05 3.16
CA ALA A 361 15.68 -9.75 3.12
C ALA A 361 15.42 -8.27 2.75
N LEU A 362 16.15 -7.38 3.39
CA LEU A 362 15.97 -5.96 3.12
C LEU A 362 16.56 -5.54 1.77
N LYS A 363 17.61 -6.21 1.30
CA LYS A 363 18.13 -5.97 -0.07
C LYS A 363 17.02 -6.24 -1.10
N ASP A 364 16.39 -7.41 -0.98
CA ASP A 364 15.30 -7.76 -1.90
C ASP A 364 14.15 -6.77 -1.80
N ALA A 365 13.84 -6.33 -0.57
CA ALA A 365 12.74 -5.39 -0.40
C ALA A 365 13.07 -4.03 -1.00
N GLN A 366 14.34 -3.62 -0.92
CA GLN A 366 14.77 -2.38 -1.57
C GLN A 366 14.61 -2.51 -3.08
N THR A 367 15.07 -3.63 -3.66
CA THR A 367 14.97 -3.82 -5.10
C THR A 367 13.51 -3.85 -5.56
N GLY A 368 12.66 -4.57 -4.83
CA GLY A 368 11.23 -4.60 -5.15
C GLY A 368 10.57 -3.24 -5.05
N SER A 369 10.86 -2.49 -4.00
CA SER A 369 10.31 -1.14 -3.82
C SER A 369 10.80 -0.11 -4.87
N GLU A 370 12.03 -0.26 -5.37
CA GLU A 370 12.62 0.63 -6.39
C GLU A 370 12.24 0.21 -7.81
N LEU A 371 11.63 -0.96 -7.98
CA LEU A 371 11.56 -1.60 -9.30
C LEU A 371 10.79 -0.78 -10.33
N TYR A 372 9.63 -0.28 -9.96
CA TYR A 372 8.82 0.48 -10.90
C TYR A 372 9.56 1.71 -11.41
N ARG A 373 10.03 2.52 -10.48
CA ARG A 373 10.67 3.80 -10.83
C ARG A 373 11.92 3.58 -11.69
N GLN A 374 12.74 2.61 -11.31
CA GLN A 374 13.95 2.34 -12.04
C GLN A 374 13.64 1.81 -13.44
N SER A 375 12.67 0.92 -13.53
CA SER A 375 12.24 0.37 -14.82
C SER A 375 11.71 1.47 -15.74
N LEU A 376 10.88 2.34 -15.19
CA LEU A 376 10.34 3.46 -15.96
C LEU A 376 11.45 4.40 -16.45
N GLU A 377 12.44 4.68 -15.60
CA GLU A 377 13.53 5.57 -15.99
C GLU A 377 14.25 5.04 -17.25
N ILE A 378 14.57 3.75 -17.23
CA ILE A 378 15.27 3.08 -18.31
C ILE A 378 14.39 3.05 -19.57
N ILE A 379 13.16 2.59 -19.41
CA ILE A 379 12.28 2.38 -20.56
C ILE A 379 11.85 3.72 -21.17
N SER A 380 11.49 4.70 -20.34
CA SER A 380 11.15 6.03 -20.85
C SER A 380 12.33 6.63 -21.60
N ARG A 381 13.54 6.55 -21.03
CA ARG A 381 14.70 7.15 -21.70
C ARG A 381 14.97 6.48 -23.04
N TYR A 382 14.91 5.15 -23.08
CA TYR A 382 15.18 4.44 -24.33
C TYR A 382 14.16 4.81 -25.42
N LEU A 383 12.88 4.74 -25.07
CA LEU A 383 11.83 5.09 -26.05
C LEU A 383 12.03 6.51 -26.59
N ARG A 384 12.29 7.44 -25.67
CA ARG A 384 12.37 8.85 -26.06
C ARG A 384 13.60 9.17 -26.89
N GLU A 385 14.74 8.60 -26.53
CA GLU A 385 15.96 8.80 -27.34
C GLU A 385 15.88 8.12 -28.71
N GLN A 386 15.22 6.96 -28.76
CA GLN A 386 14.96 6.26 -30.02
C GLN A 386 14.08 7.12 -30.95
N ALA A 387 13.04 7.72 -30.37
CA ALA A 387 12.10 8.56 -31.15
C ALA A 387 12.72 9.85 -31.67
N THR A 388 13.48 10.54 -30.83
CA THR A 388 14.01 11.87 -31.15
C THR A 388 15.42 11.87 -31.73
N GLY A 389 16.17 10.80 -31.48
CA GLY A 389 17.56 10.69 -31.91
C GLY A 389 18.56 11.35 -30.95
N ALA A 390 18.08 11.88 -29.83
CA ALA A 390 18.93 12.56 -28.87
C ALA A 390 18.63 12.04 -27.47
N ALA A 391 19.69 11.85 -26.68
CA ALA A 391 19.55 11.27 -25.35
C ALA A 391 19.13 12.35 -24.33
N ASP A 392 18.57 11.88 -23.23
CA ASP A 392 18.20 12.74 -22.11
C ASP A 392 19.45 13.07 -21.31
N THR A 393 19.69 14.36 -21.09
CA THR A 393 20.85 14.83 -20.34
C THR A 393 20.61 14.92 -18.83
N ALA A 394 19.37 14.78 -18.38
CA ALA A 394 19.09 14.84 -16.94
C ALA A 394 19.83 13.72 -16.19
N PRO A 395 20.31 14.00 -14.97
CA PRO A 395 20.93 12.97 -14.12
C PRO A 395 20.02 11.76 -13.89
N MET A 396 20.60 10.56 -13.88
CA MET A 396 19.84 9.33 -13.60
C MET A 396 19.25 9.28 -12.19
N GLY A 397 19.94 9.88 -11.23
CA GLY A 397 19.49 9.89 -9.84
C GLY A 397 19.94 8.66 -9.08
N ALA A 398 19.13 8.26 -8.10
CA ALA A 398 19.41 7.09 -7.24
C ALA A 398 19.60 5.80 -8.04
N SER A 399 20.59 5.00 -7.65
N SER A 399 20.58 5.00 -7.63
CA SER A 399 21.00 3.80 -8.39
CA SER A 399 21.04 3.80 -8.36
C SER A 399 21.33 4.10 -9.84
C SER A 399 21.32 4.11 -9.83
N GLY A 400 22.03 5.21 -10.06
CA GLY A 400 22.23 5.76 -11.40
C GLY A 400 23.18 4.98 -12.28
N ALA A 401 24.16 4.33 -11.65
CA ALA A 401 25.09 3.47 -12.37
C ALA A 401 24.33 2.31 -13.02
N THR A 402 23.42 1.70 -12.26
CA THR A 402 22.58 0.60 -12.77
C THR A 402 21.72 1.08 -13.94
N SER A 403 21.03 2.20 -13.75
CA SER A 403 20.19 2.78 -14.80
C SER A 403 20.98 3.07 -16.06
N ARG A 404 22.13 3.69 -15.89
CA ARG A 404 23.00 4.03 -17.02
C ARG A 404 23.48 2.77 -17.77
N LYS A 405 23.95 1.77 -17.02
CA LYS A 405 24.45 0.54 -17.62
C LYS A 405 23.33 -0.30 -18.24
N ALA A 406 22.14 -0.24 -17.65
CA ALA A 406 20.98 -0.93 -18.21
C ALA A 406 20.58 -0.27 -19.50
N LEU A 407 20.55 1.05 -19.52
CA LEU A 407 20.27 1.77 -20.74
C LEU A 407 21.31 1.47 -21.84
N GLU A 408 22.60 1.46 -21.50
N GLU A 408 22.59 1.48 -21.48
CA GLU A 408 23.65 1.10 -22.47
CA GLU A 408 23.69 1.10 -22.38
C GLU A 408 23.51 -0.33 -23.00
C GLU A 408 23.50 -0.30 -22.97
N THR A 409 23.13 -1.25 -22.10
CA THR A 409 22.92 -2.65 -22.49
C THR A 409 21.71 -2.75 -23.43
N LEU A 410 20.63 -2.07 -23.04
CA LEU A 410 19.43 -2.04 -23.83
C LEU A 410 19.66 -1.44 -25.24
N ARG A 411 20.50 -0.41 -25.34
CA ARG A 411 20.86 0.15 -26.65
C ARG A 411 21.49 -0.92 -27.55
N ARG A 412 22.45 -1.66 -26.99
N ARG A 412 22.45 -1.68 -27.03
CA ARG A 412 23.14 -2.75 -27.69
CA ARG A 412 23.10 -2.72 -27.83
C ARG A 412 22.24 -3.89 -28.13
C ARG A 412 22.12 -3.82 -28.24
N VAL A 413 21.51 -4.49 -27.20
N VAL A 413 21.55 -4.50 -27.24
CA VAL A 413 20.71 -5.67 -27.53
CA VAL A 413 20.72 -5.66 -27.51
C VAL A 413 19.37 -5.34 -28.17
C VAL A 413 19.40 -5.30 -28.21
N GLY A 414 18.76 -4.22 -27.76
CA GLY A 414 17.47 -3.76 -28.29
C GLY A 414 17.53 -3.25 -29.72
N ASP A 415 18.58 -2.49 -30.04
CA ASP A 415 18.80 -2.08 -31.43
C ASP A 415 19.02 -3.30 -32.32
N GLY A 416 19.75 -4.30 -31.83
CA GLY A 416 19.95 -5.57 -32.54
C GLY A 416 18.66 -6.31 -32.87
N VAL A 417 17.74 -6.34 -31.89
CA VAL A 417 16.41 -6.92 -32.10
C VAL A 417 15.64 -6.15 -33.20
N GLN A 418 15.54 -4.83 -33.04
CA GLN A 418 14.82 -3.96 -34.00
C GLN A 418 15.36 -4.08 -35.42
N ARG A 419 16.69 -4.14 -35.54
N ARG A 419 16.69 -4.13 -35.57
CA ARG A 419 17.40 -4.28 -36.82
CA ARG A 419 17.31 -4.28 -36.90
C ARG A 419 17.09 -5.62 -37.51
C ARG A 419 17.04 -5.64 -37.53
N ASN A 420 17.26 -6.70 -36.76
CA ASN A 420 17.07 -8.07 -37.25
C ASN A 420 15.59 -8.41 -37.49
N HIS A 421 14.69 -7.86 -36.67
CA HIS A 421 13.25 -8.11 -36.80
C HIS A 421 12.44 -6.91 -37.37
N GLU A 422 13.07 -6.10 -38.21
CA GLU A 422 12.41 -4.91 -38.81
C GLU A 422 11.09 -5.20 -39.55
N THR A 423 11.08 -6.21 -40.41
CA THR A 423 9.87 -6.55 -41.17
C THR A 423 8.75 -7.05 -40.24
N ALA A 424 9.10 -7.89 -39.27
CA ALA A 424 8.12 -8.39 -38.29
C ALA A 424 7.58 -7.25 -37.42
N PHE A 425 8.47 -6.34 -37.01
CA PHE A 425 8.07 -5.15 -36.23
C PHE A 425 7.11 -4.28 -37.05
N GLN A 426 7.47 -4.01 -38.30
CA GLN A 426 6.59 -3.28 -39.24
C GLN A 426 5.20 -3.91 -39.38
N GLY A 427 5.15 -5.22 -39.56
CA GLY A 427 3.90 -5.97 -39.67
C GLY A 427 2.97 -5.85 -38.46
N MET A 428 3.56 -5.96 -37.26
N MET A 428 3.54 -5.99 -37.26
CA MET A 428 2.79 -5.83 -36.03
CA MET A 428 2.76 -5.82 -36.02
C MET A 428 2.30 -4.40 -35.82
C MET A 428 2.29 -4.39 -35.82
N LEU A 429 3.16 -3.43 -36.12
CA LEU A 429 2.84 -2.00 -36.01
C LEU A 429 1.63 -1.63 -36.86
N ARG A 430 1.65 -2.11 -38.09
CA ARG A 430 0.54 -1.90 -39.03
C ARG A 430 -0.72 -2.67 -38.62
N LYS A 431 -0.56 -3.91 -38.17
CA LYS A 431 -1.67 -4.72 -37.63
C LYS A 431 -2.34 -4.06 -36.41
N LEU A 432 -1.53 -3.49 -35.52
CA LEU A 432 -2.05 -2.80 -34.33
C LEU A 432 -2.66 -1.43 -34.64
N ASP A 433 -2.14 -0.75 -35.66
CA ASP A 433 -2.71 0.52 -36.17
C ASP A 433 -2.85 1.59 -35.07
N ILE A 434 -1.71 2.01 -34.54
CA ILE A 434 -1.67 2.90 -33.37
C ILE A 434 -1.59 4.36 -33.85
N LYS A 435 -2.62 5.13 -33.51
CA LYS A 435 -2.82 6.49 -34.02
C LYS A 435 -2.85 7.63 -32.98
N ASN A 436 -3.04 7.30 -31.70
CA ASN A 436 -3.38 8.31 -30.69
C ASN A 436 -3.31 7.76 -29.26
N GLU A 437 -3.56 8.63 -28.28
CA GLU A 437 -3.61 8.26 -26.85
C GLU A 437 -4.56 7.09 -26.51
N ASP A 438 -5.71 7.03 -27.19
CA ASP A 438 -6.70 5.98 -26.93
C ASP A 438 -6.26 4.59 -27.41
N ASP A 439 -5.64 4.53 -28.59
CA ASP A 439 -5.08 3.28 -29.10
C ASP A 439 -3.93 2.76 -28.25
N VAL A 440 -3.10 3.68 -27.75
CA VAL A 440 -2.01 3.32 -26.82
C VAL A 440 -2.55 2.64 -25.56
N LYS A 441 -3.66 3.15 -25.02
CA LYS A 441 -4.32 2.54 -23.86
C LYS A 441 -4.77 1.08 -24.07
N SER A 442 -5.09 0.71 -25.31
CA SER A 442 -5.47 -0.66 -25.65
C SER A 442 -4.31 -1.67 -25.70
N LEU A 443 -3.07 -1.18 -25.74
CA LEU A 443 -1.90 -2.06 -25.85
C LEU A 443 -1.58 -2.92 -24.62
N SER A 444 -1.97 -2.46 -23.42
N SER A 444 -1.97 -2.45 -23.42
CA SER A 444 -1.69 -3.19 -22.17
CA SER A 444 -1.71 -3.17 -22.16
C SER A 444 -2.18 -4.63 -22.18
C SER A 444 -2.19 -4.61 -22.17
N ARG A 445 -3.45 -4.81 -22.55
CA ARG A 445 -4.06 -6.15 -22.64
C ARG A 445 -3.37 -7.05 -23.68
N VAL A 446 -2.94 -6.45 -24.79
CA VAL A 446 -2.18 -7.15 -25.83
C VAL A 446 -0.79 -7.53 -25.32
N MET A 447 -0.09 -6.59 -24.69
CA MET A 447 1.20 -6.84 -24.06
C MET A 447 1.13 -7.95 -23.01
N ILE A 448 0.12 -7.91 -22.14
CA ILE A 448 -0.08 -8.97 -21.14
C ILE A 448 -0.32 -10.32 -21.82
N HIS A 449 -1.18 -10.33 -22.85
CA HIS A 449 -1.49 -11.55 -23.59
C HIS A 449 -0.26 -12.16 -24.28
N VAL A 450 0.49 -11.33 -25.00
CA VAL A 450 1.65 -11.81 -25.76
C VAL A 450 2.87 -11.97 -24.83
N PHE A 451 3.27 -10.90 -24.15
CA PHE A 451 4.50 -10.92 -23.36
C PHE A 451 4.36 -11.74 -22.08
N SER A 452 3.42 -11.35 -21.23
CA SER A 452 3.36 -11.91 -19.86
C SER A 452 3.05 -13.41 -19.80
N ASP A 453 2.30 -13.91 -20.79
CA ASP A 453 1.97 -15.33 -20.87
C ASP A 453 3.05 -16.21 -21.51
N GLY A 454 4.00 -15.60 -22.22
CA GLY A 454 5.14 -16.35 -22.77
C GLY A 454 6.18 -16.68 -21.70
N VAL A 455 7.32 -17.23 -22.12
CA VAL A 455 8.43 -17.55 -21.21
C VAL A 455 9.00 -16.26 -20.61
N THR A 456 9.42 -16.29 -19.35
CA THR A 456 10.10 -15.16 -18.72
C THR A 456 11.61 -15.30 -18.90
N ASN A 457 12.19 -14.38 -19.67
CA ASN A 457 13.64 -14.21 -19.76
C ASN A 457 13.97 -12.81 -20.21
N TRP A 458 15.24 -12.42 -20.10
CA TRP A 458 15.68 -11.09 -20.47
C TRP A 458 15.54 -10.82 -21.95
N GLY A 459 15.68 -11.85 -22.77
CA GLY A 459 15.49 -11.70 -24.21
C GLY A 459 14.11 -11.17 -24.57
N ARG A 460 13.07 -11.82 -24.04
CA ARG A 460 11.69 -11.43 -24.31
C ARG A 460 11.34 -10.07 -23.67
N ILE A 461 12.00 -9.74 -22.57
CA ILE A 461 11.88 -8.40 -21.98
C ILE A 461 12.47 -7.33 -22.91
N VAL A 462 13.62 -7.63 -23.53
CA VAL A 462 14.19 -6.73 -24.52
C VAL A 462 13.23 -6.56 -25.70
N THR A 463 12.64 -7.65 -26.17
CA THR A 463 11.69 -7.52 -27.28
C THR A 463 10.54 -6.62 -26.91
N LEU A 464 9.94 -6.84 -25.74
CA LEU A 464 8.87 -5.98 -25.23
C LEU A 464 9.22 -4.49 -25.34
N ILE A 465 10.38 -4.15 -24.80
CA ILE A 465 10.82 -2.77 -24.74
C ILE A 465 11.22 -2.23 -26.11
N SER A 466 11.88 -3.07 -26.90
CA SER A 466 12.35 -2.73 -28.25
C SER A 466 11.19 -2.47 -29.19
N PHE A 467 10.17 -3.31 -29.13
CA PHE A 467 8.95 -3.04 -29.90
C PHE A 467 8.31 -1.73 -29.44
N GLY A 468 8.33 -1.47 -28.13
CA GLY A 468 7.91 -0.18 -27.57
C GLY A 468 8.64 1.01 -28.20
N ALA A 469 9.96 0.88 -28.36
CA ALA A 469 10.77 1.92 -29.01
C ALA A 469 10.37 2.09 -30.48
N PHE A 470 10.12 0.97 -31.16
CA PHE A 470 9.63 1.00 -32.55
C PHE A 470 8.31 1.78 -32.66
N VAL A 471 7.40 1.52 -31.72
CA VAL A 471 6.11 2.23 -31.66
C VAL A 471 6.35 3.72 -31.36
N ALA A 472 7.25 4.00 -30.42
CA ALA A 472 7.57 5.39 -30.06
C ALA A 472 8.11 6.19 -31.25
N LYS A 473 8.99 5.58 -32.05
CA LYS A 473 9.51 6.22 -33.27
C LYS A 473 8.38 6.58 -34.21
N HIS A 474 7.44 5.65 -34.36
CA HIS A 474 6.26 5.87 -35.20
C HIS A 474 5.42 7.04 -34.67
N LEU A 475 5.12 7.04 -33.38
CA LEU A 475 4.35 8.12 -32.74
C LEU A 475 4.97 9.52 -32.96
N LYS A 476 6.28 9.64 -32.82
CA LYS A 476 7.01 10.88 -33.11
C LYS A 476 6.82 11.33 -34.57
N THR A 477 6.96 10.37 -35.50
CA THR A 477 6.84 10.67 -36.94
C THR A 477 5.45 11.22 -37.28
N ILE A 478 4.40 10.65 -36.69
CA ILE A 478 3.02 11.12 -36.93
C ILE A 478 2.53 12.26 -36.00
N ASN A 479 3.46 12.99 -35.37
CA ASN A 479 3.14 14.11 -34.48
C ASN A 479 2.29 13.69 -33.27
N GLN A 480 2.63 12.53 -32.72
CA GLN A 480 1.99 11.99 -31.52
C GLN A 480 3.05 11.77 -30.45
N GLU A 481 4.03 12.67 -30.39
CA GLU A 481 5.13 12.56 -29.42
C GLU A 481 4.64 12.56 -27.97
N SER A 482 3.54 13.26 -27.70
CA SER A 482 2.90 13.27 -26.37
C SER A 482 2.42 11.91 -25.85
N CYS A 483 2.24 10.95 -26.76
CA CYS A 483 1.88 9.58 -26.39
C CYS A 483 3.03 8.72 -25.88
N ILE A 484 4.28 9.15 -26.07
CA ILE A 484 5.42 8.29 -25.76
C ILE A 484 5.57 8.03 -24.26
N GLU A 485 5.45 9.05 -23.42
CA GLU A 485 5.58 8.82 -21.96
C GLU A 485 4.48 7.89 -21.40
N PRO A 486 3.20 8.09 -21.78
CA PRO A 486 2.13 7.11 -21.46
C PRO A 486 2.43 5.69 -21.96
N LEU A 487 3.02 5.58 -23.14
CA LEU A 487 3.43 4.28 -23.67
C LEU A 487 4.48 3.65 -22.76
N ALA A 488 5.48 4.42 -22.40
CA ALA A 488 6.53 3.95 -21.50
C ALA A 488 5.96 3.51 -20.16
N GLU A 489 5.03 4.29 -19.63
CA GLU A 489 4.38 3.92 -18.36
C GLU A 489 3.64 2.59 -18.47
N SER A 490 2.92 2.40 -19.58
CA SER A 490 2.18 1.18 -19.83
C SER A 490 3.07 -0.06 -19.94
N ILE A 491 4.16 0.06 -20.69
CA ILE A 491 5.11 -1.06 -20.82
C ILE A 491 5.70 -1.42 -19.44
N THR A 492 6.06 -0.38 -18.69
CA THR A 492 6.67 -0.56 -17.37
C THR A 492 5.69 -1.27 -16.44
N ASP A 493 4.44 -0.84 -16.46
CA ASP A 493 3.42 -1.46 -15.62
C ASP A 493 3.31 -2.96 -15.91
N VAL A 494 3.21 -3.32 -17.18
CA VAL A 494 3.10 -4.73 -17.59
C VAL A 494 4.30 -5.52 -17.12
N LEU A 495 5.49 -5.01 -17.39
CA LEU A 495 6.71 -5.70 -17.00
C LEU A 495 6.80 -5.93 -15.49
N VAL A 496 6.68 -4.85 -14.72
CA VAL A 496 6.95 -4.95 -13.27
C VAL A 496 5.83 -5.64 -12.51
N ARG A 497 4.59 -5.44 -12.94
CA ARG A 497 3.44 -6.09 -12.27
C ARG A 497 3.40 -7.59 -12.56
N THR A 498 3.62 -7.99 -13.81
CA THR A 498 3.52 -9.41 -14.19
C THR A 498 4.80 -10.22 -13.94
N LYS A 499 5.96 -9.57 -13.87
CA LYS A 499 7.24 -10.28 -13.63
C LYS A 499 7.97 -9.85 -12.35
N ARG A 500 7.25 -9.23 -11.42
N ARG A 500 7.25 -9.25 -11.41
CA ARG A 500 7.77 -8.77 -10.13
CA ARG A 500 7.84 -8.76 -10.17
C ARG A 500 8.73 -9.74 -9.45
C ARG A 500 8.77 -9.75 -9.46
N ASP A 501 8.27 -10.95 -9.16
CA ASP A 501 9.05 -11.94 -8.40
C ASP A 501 10.30 -12.36 -9.17
N TRP A 502 10.16 -12.62 -10.47
CA TRP A 502 11.30 -12.98 -11.30
C TRP A 502 12.34 -11.88 -11.34
N LEU A 503 11.91 -10.64 -11.54
CA LEU A 503 12.82 -9.51 -11.59
C LEU A 503 13.61 -9.32 -10.30
N VAL A 504 12.95 -9.47 -9.15
CA VAL A 504 13.62 -9.35 -7.86
C VAL A 504 14.66 -10.45 -7.70
N LYS A 505 14.29 -11.68 -8.06
CA LYS A 505 15.21 -12.84 -8.07
C LYS A 505 16.47 -12.61 -8.92
N GLN A 506 16.35 -11.85 -10.01
CA GLN A 506 17.52 -11.54 -10.87
C GLN A 506 18.39 -10.37 -10.37
N ARG A 507 18.11 -9.81 -9.20
CA ARG A 507 18.70 -8.54 -8.74
C ARG A 507 18.31 -7.43 -9.70
N GLY A 508 17.07 -7.49 -10.18
CA GLY A 508 16.50 -6.45 -11.02
C GLY A 508 17.38 -6.14 -12.22
N TRP A 509 17.57 -4.86 -12.49
CA TRP A 509 18.33 -4.42 -13.66
C TRP A 509 19.83 -4.72 -13.58
N ASP A 510 20.37 -4.94 -12.39
CA ASP A 510 21.74 -5.45 -12.32
C ASP A 510 21.88 -6.83 -12.97
N GLY A 511 20.87 -7.68 -12.80
CA GLY A 511 20.86 -8.99 -13.45
C GLY A 511 20.83 -8.89 -14.96
N PHE A 512 20.04 -7.95 -15.47
CA PHE A 512 19.98 -7.66 -16.90
C PHE A 512 21.35 -7.31 -17.47
N VAL A 513 22.04 -6.39 -16.80
CA VAL A 513 23.38 -5.94 -17.22
C VAL A 513 24.36 -7.12 -17.21
N GLU A 514 24.30 -7.94 -16.16
N GLU A 514 24.31 -7.97 -16.18
CA GLU A 514 25.13 -9.15 -16.04
CA GLU A 514 25.19 -9.14 -16.10
C GLU A 514 24.86 -10.18 -17.13
C GLU A 514 24.86 -10.22 -17.13
N PHE A 515 23.57 -10.42 -17.40
CA PHE A 515 23.15 -11.42 -18.39
C PHE A 515 23.71 -11.14 -19.79
N PHE A 516 23.71 -9.87 -20.17
CA PHE A 516 24.15 -9.44 -21.52
C PHE A 516 25.55 -8.84 -21.50
N HIS A 517 26.32 -9.06 -20.44
CA HIS A 517 27.68 -8.51 -20.41
C HIS A 517 28.50 -9.18 -21.52
N VAL A 518 29.21 -8.38 -22.30
CA VAL A 518 30.05 -8.93 -23.40
C VAL A 518 31.50 -9.06 -22.91
#